data_2Z3M
#
_entry.id   2Z3M
#
_cell.length_a   116.681
_cell.length_b   127.682
_cell.length_c   38.354
_cell.angle_alpha   90.00
_cell.angle_beta   90.00
_cell.angle_gamma   90.00
#
_symmetry.space_group_name_H-M   'P 21 21 2'
#
loop_
_entity.id
_entity.type
_entity.pdbx_description
1 polymer 'Leucyl/phenylalanyl-tRNA-protein transferase'
2 non-polymer (2R,3S,5R)-5-(6-amino-9H-purin-9-yl)-tetrahydro-2-(hydroxymethyl)furan-3-ol
3 non-polymer PHENYLALANINE
4 non-polymer 'D(-)-TARTARIC ACID'
5 water water
#
_entity_poly.entity_id   1
_entity_poly.type   'polypeptide(L)'
_entity_poly.pdbx_seq_one_letter_code
;RLVQLSRHSIAFPSPEGALREPNGLLALGGDLSPARLLMAYQRGIFPWFSPGDPILWWSPDPRAVLWPESLHISRSMKRF
HKRSPYRVTMNYAFGQVIEGCASDREEGTWITRGVVEAYHRLHELGHAHSIEVWREDELVGGMYGVAQGTLFCGESMFSR
MENASKTALLVFCEEFIGHGGKLIDCQVLNDHTASLGACEIPRRDYLNYLNQMRLGRLPNNFWVPRCLFSPQE
;
_entity_poly.pdbx_strand_id   A,B
#
loop_
_chem_comp.id
_chem_comp.type
_chem_comp.name
_chem_comp.formula
3D1 non-polymer (2R,3S,5R)-5-(6-amino-9H-purin-9-yl)-tetrahydro-2-(hydroxymethyl)furan-3-ol 'C10 H13 N5 O3'
TAR non-polymer 'D(-)-TARTARIC ACID' 'C4 H6 O6'
#
# COMPACT_ATOMS: atom_id res chain seq x y z
N ARG A 1 9.47 -31.14 -24.16
CA ARG A 1 10.25 -31.19 -22.88
C ARG A 1 10.00 -29.98 -21.99
N LEU A 2 9.55 -30.22 -20.76
CA LEU A 2 9.28 -29.14 -19.82
C LEU A 2 10.57 -28.72 -19.11
N VAL A 3 11.14 -27.60 -19.52
CA VAL A 3 12.38 -27.16 -18.92
C VAL A 3 12.25 -27.00 -17.41
N GLN A 4 13.26 -27.50 -16.70
CA GLN A 4 13.33 -27.42 -15.25
C GLN A 4 14.20 -26.20 -14.93
N LEU A 5 13.54 -25.08 -14.64
CA LEU A 5 14.25 -23.84 -14.34
C LEU A 5 15.35 -24.02 -13.32
N SER A 6 16.36 -23.15 -13.41
CA SER A 6 17.52 -23.19 -12.52
C SER A 6 17.43 -22.13 -11.44
N ARG A 7 17.90 -22.46 -10.24
CA ARG A 7 17.89 -21.50 -9.15
C ARG A 7 18.90 -20.41 -9.48
N HIS A 8 20.04 -20.85 -10.01
CA HIS A 8 21.15 -19.97 -10.38
C HIS A 8 20.74 -18.76 -11.21
N SER A 9 19.99 -18.98 -12.28
CA SER A 9 19.60 -17.86 -13.14
C SER A 9 18.12 -17.70 -13.46
N ILE A 10 17.74 -16.46 -13.71
CA ILE A 10 16.37 -16.11 -14.08
C ILE A 10 16.32 -16.19 -15.60
N ALA A 11 15.61 -17.18 -16.12
CA ALA A 11 15.51 -17.36 -17.56
C ALA A 11 14.42 -18.36 -17.91
N PHE A 12 13.54 -17.97 -18.83
CA PHE A 12 12.44 -18.84 -19.26
C PHE A 12 12.58 -19.25 -20.72
N PRO A 13 11.97 -20.39 -21.09
CA PRO A 13 12.04 -20.86 -22.48
C PRO A 13 10.89 -20.21 -23.25
N SER A 14 10.99 -20.18 -24.58
CA SER A 14 9.93 -19.57 -25.38
C SER A 14 8.55 -20.19 -25.10
N PRO A 15 7.53 -19.34 -24.98
CA PRO A 15 6.15 -19.78 -24.72
C PRO A 15 5.63 -20.74 -25.76
N GLU A 16 6.19 -20.68 -26.97
CA GLU A 16 5.73 -21.55 -28.05
C GLU A 16 5.96 -23.03 -27.74
N GLY A 17 7.01 -23.33 -26.99
CA GLY A 17 7.30 -24.70 -26.64
C GLY A 17 6.39 -25.24 -25.54
N ALA A 18 5.51 -24.40 -25.02
CA ALA A 18 4.60 -24.82 -23.97
C ALA A 18 3.72 -25.95 -24.47
N LEU A 19 3.19 -26.75 -23.55
CA LEU A 19 2.31 -27.86 -23.92
C LEU A 19 0.99 -27.35 -24.44
N ARG A 20 0.31 -28.19 -25.22
CA ARG A 20 -0.99 -27.87 -25.78
C ARG A 20 -2.10 -28.38 -24.87
N GLU A 21 -1.79 -29.38 -24.05
CA GLU A 21 -2.76 -29.95 -23.12
C GLU A 21 -2.04 -30.70 -22.00
N PRO A 22 -2.06 -30.19 -20.75
CA PRO A 22 -2.69 -28.97 -20.21
C PRO A 22 -2.21 -27.68 -20.87
N ASN A 23 -3.18 -26.90 -21.37
CA ASN A 23 -2.91 -25.66 -22.08
C ASN A 23 -1.91 -24.69 -21.45
N GLY A 24 -0.79 -24.50 -22.12
CA GLY A 24 0.20 -23.57 -21.64
C GLY A 24 1.28 -24.09 -20.72
N LEU A 25 1.15 -25.29 -20.17
CA LEU A 25 2.17 -25.83 -19.24
C LEU A 25 3.53 -25.75 -19.90
N LEU A 26 4.32 -24.79 -19.44
CA LEU A 26 5.62 -24.51 -20.00
C LEU A 26 6.89 -24.83 -19.20
N ALA A 27 6.84 -24.71 -17.89
CA ALA A 27 8.04 -24.99 -17.11
C ALA A 27 7.74 -25.15 -15.63
N LEU A 28 8.69 -25.71 -14.88
CA LEU A 28 8.49 -25.89 -13.44
C LEU A 28 9.75 -25.64 -12.60
N GLY A 29 9.54 -25.41 -11.31
CA GLY A 29 10.66 -25.15 -10.42
C GLY A 29 11.00 -23.69 -10.30
N GLY A 30 12.25 -23.41 -9.95
CA GLY A 30 12.69 -22.02 -9.80
C GLY A 30 12.24 -21.49 -8.46
N ASP A 31 11.91 -20.20 -8.40
CA ASP A 31 11.46 -19.59 -7.16
C ASP A 31 10.43 -18.51 -7.47
N LEU A 32 9.85 -17.93 -6.43
CA LEU A 32 8.85 -16.87 -6.62
C LEU A 32 9.43 -15.50 -6.24
N SER A 33 10.69 -15.29 -6.59
CA SER A 33 11.39 -14.04 -6.31
C SER A 33 10.95 -12.92 -7.26
N PRO A 34 11.06 -11.67 -6.82
CA PRO A 34 10.67 -10.50 -7.62
C PRO A 34 11.22 -10.48 -9.04
N ALA A 35 12.51 -10.70 -9.18
CA ALA A 35 13.13 -10.68 -10.50
C ALA A 35 12.68 -11.81 -11.42
N ARG A 36 12.42 -12.99 -10.87
CA ARG A 36 11.99 -14.09 -11.69
C ARG A 36 10.53 -13.91 -12.12
N LEU A 37 9.68 -13.46 -11.20
CA LEU A 37 8.27 -13.22 -11.49
C LEU A 37 8.13 -12.09 -12.49
N LEU A 38 8.82 -10.99 -12.22
CA LEU A 38 8.78 -9.84 -13.11
C LEU A 38 9.20 -10.30 -14.50
N MET A 39 10.20 -11.18 -14.55
CA MET A 39 10.70 -11.73 -15.81
C MET A 39 9.57 -12.51 -16.49
N ALA A 40 8.85 -13.30 -15.71
CA ALA A 40 7.75 -14.11 -16.22
C ALA A 40 6.70 -13.26 -16.92
N TYR A 41 6.30 -12.17 -16.27
CA TYR A 41 5.30 -11.29 -16.83
C TYR A 41 5.76 -10.65 -18.14
N GLN A 42 7.05 -10.31 -18.21
CA GLN A 42 7.64 -9.71 -19.40
C GLN A 42 7.43 -10.59 -20.62
N ARG A 43 7.70 -11.88 -20.43
CA ARG A 43 7.61 -12.86 -21.50
C ARG A 43 6.28 -13.59 -21.66
N GLY A 44 5.27 -13.19 -20.89
CA GLY A 44 3.98 -13.82 -21.01
C GLY A 44 3.79 -15.14 -20.28
N ILE A 45 4.51 -15.30 -19.18
CA ILE A 45 4.44 -16.51 -18.35
C ILE A 45 3.82 -16.11 -17.00
N PHE A 46 3.27 -17.10 -16.29
CA PHE A 46 2.72 -16.85 -14.95
C PHE A 46 2.69 -18.15 -14.14
N PRO A 47 2.97 -18.05 -12.84
CA PRO A 47 2.97 -19.24 -11.99
C PRO A 47 1.56 -19.60 -11.57
N TRP A 48 1.31 -20.90 -11.49
CA TRP A 48 0.03 -21.43 -11.06
C TRP A 48 0.26 -22.87 -10.67
N PHE A 49 -0.01 -23.20 -9.40
CA PHE A 49 0.18 -24.56 -8.92
C PHE A 49 -0.58 -24.72 -7.62
N SER A 50 -0.85 -25.96 -7.23
CA SER A 50 -1.57 -26.22 -6.00
C SER A 50 -0.60 -26.56 -4.87
N PRO A 51 -1.03 -26.35 -3.61
CA PRO A 51 -0.19 -26.65 -2.44
C PRO A 51 0.30 -28.09 -2.47
N GLY A 52 1.57 -28.29 -2.09
CA GLY A 52 2.14 -29.62 -2.08
C GLY A 52 2.61 -30.00 -3.48
N ASP A 53 2.84 -28.99 -4.31
CA ASP A 53 3.27 -29.21 -5.69
C ASP A 53 4.38 -28.24 -6.05
N PRO A 54 5.22 -28.61 -7.04
CA PRO A 54 6.31 -27.74 -7.47
C PRO A 54 5.75 -26.55 -8.23
N ILE A 55 6.55 -25.50 -8.38
CA ILE A 55 6.11 -24.32 -9.09
C ILE A 55 5.89 -24.69 -10.55
N LEU A 56 4.77 -24.25 -11.10
CA LEU A 56 4.44 -24.51 -12.50
C LEU A 56 4.28 -23.16 -13.22
N TRP A 57 4.84 -23.04 -14.41
CA TRP A 57 4.73 -21.80 -15.15
C TRP A 57 4.00 -22.04 -16.45
N TRP A 58 3.00 -21.20 -16.72
CA TRP A 58 2.18 -21.34 -17.89
C TRP A 58 2.16 -20.13 -18.83
N SER A 59 1.75 -20.42 -20.07
CA SER A 59 1.60 -19.43 -21.11
C SER A 59 0.58 -20.08 -22.04
N PRO A 60 -0.71 -19.98 -21.67
CA PRO A 60 -1.81 -20.56 -22.46
C PRO A 60 -2.09 -19.96 -23.83
N ASP A 61 -2.56 -20.82 -24.72
CA ASP A 61 -2.90 -20.40 -26.06
C ASP A 61 -4.18 -21.12 -26.48
N PRO A 62 -5.23 -20.37 -26.82
CA PRO A 62 -5.25 -18.90 -26.81
C PRO A 62 -5.19 -18.33 -25.41
N ARG A 63 -5.05 -17.01 -25.33
CA ARG A 63 -4.98 -16.31 -24.06
C ARG A 63 -6.26 -15.50 -23.88
N ALA A 64 -6.77 -15.47 -22.66
CA ALA A 64 -7.98 -14.71 -22.39
C ALA A 64 -7.57 -13.26 -22.21
N VAL A 65 -8.40 -12.35 -22.70
CA VAL A 65 -8.08 -10.94 -22.64
C VAL A 65 -9.35 -10.11 -22.54
N LEU A 66 -9.26 -8.94 -21.93
CA LEU A 66 -10.40 -8.05 -21.81
C LEU A 66 -9.99 -6.65 -22.23
N TRP A 67 -10.67 -6.12 -23.25
CA TRP A 67 -10.41 -4.75 -23.70
C TRP A 67 -11.26 -3.84 -22.81
N PRO A 68 -10.59 -3.01 -22.01
CA PRO A 68 -11.23 -2.07 -21.08
C PRO A 68 -12.60 -1.57 -21.53
N GLU A 69 -12.69 -1.15 -22.78
CA GLU A 69 -13.93 -0.60 -23.33
C GLU A 69 -15.04 -1.62 -23.58
N SER A 70 -14.65 -2.85 -23.91
CA SER A 70 -15.65 -3.89 -24.18
C SER A 70 -16.21 -4.51 -22.91
N LEU A 71 -15.79 -4.04 -21.74
CA LEU A 71 -16.29 -4.60 -20.48
C LEU A 71 -17.81 -4.52 -20.51
N HIS A 72 -18.47 -5.65 -20.29
CA HIS A 72 -19.93 -5.67 -20.32
C HIS A 72 -20.59 -5.34 -18.99
N ILE A 73 -21.58 -4.45 -19.05
CA ILE A 73 -22.30 -4.02 -17.86
C ILE A 73 -23.81 -4.02 -18.13
N SER A 74 -24.53 -4.93 -17.47
CA SER A 74 -25.97 -5.05 -17.63
C SER A 74 -26.71 -3.76 -17.22
N ARG A 75 -27.96 -3.65 -17.63
CA ARG A 75 -28.75 -2.48 -17.29
C ARG A 75 -29.01 -2.45 -15.79
N SER A 76 -29.23 -3.62 -15.19
CA SER A 76 -29.49 -3.63 -13.75
C SER A 76 -28.22 -3.21 -13.01
N MET A 77 -27.06 -3.61 -13.52
CA MET A 77 -25.81 -3.23 -12.87
C MET A 77 -25.64 -1.71 -12.93
N LYS A 78 -25.98 -1.10 -14.06
CA LYS A 78 -25.86 0.35 -14.20
C LYS A 78 -26.82 1.02 -13.24
N ARG A 79 -28.02 0.46 -13.13
CA ARG A 79 -29.04 0.97 -12.24
C ARG A 79 -28.52 0.89 -10.80
N PHE A 80 -27.81 -0.21 -10.55
CA PHE A 80 -27.24 -0.47 -9.24
C PHE A 80 -26.09 0.49 -8.95
N HIS A 81 -25.16 0.59 -9.89
CA HIS A 81 -24.01 1.46 -9.68
C HIS A 81 -24.37 2.93 -9.56
N LYS A 82 -25.45 3.32 -10.22
CA LYS A 82 -25.91 4.70 -10.19
C LYS A 82 -26.16 5.09 -8.74
N ARG A 83 -26.69 4.15 -7.97
CA ARG A 83 -26.98 4.36 -6.56
C ARG A 83 -26.17 3.38 -5.72
N SER A 84 -24.91 3.19 -6.11
CA SER A 84 -24.01 2.27 -5.45
C SER A 84 -23.86 2.49 -3.95
N PRO A 85 -23.75 1.40 -3.18
CA PRO A 85 -23.60 1.41 -1.73
C PRO A 85 -22.15 1.06 -1.38
N TYR A 86 -21.28 1.05 -2.38
CA TYR A 86 -19.89 0.69 -2.16
C TYR A 86 -18.90 1.81 -2.40
N ARG A 87 -17.77 1.71 -1.71
CA ARG A 87 -16.68 2.65 -1.85
C ARG A 87 -15.59 1.81 -2.52
N VAL A 88 -14.92 2.38 -3.52
CA VAL A 88 -13.85 1.65 -4.21
C VAL A 88 -12.56 2.44 -4.05
N THR A 89 -11.49 1.76 -3.67
CA THR A 89 -10.20 2.41 -3.48
C THR A 89 -9.09 1.64 -4.18
N MET A 90 -7.95 2.30 -4.38
CA MET A 90 -6.79 1.69 -5.03
C MET A 90 -5.59 1.56 -4.09
N ASN A 91 -5.06 0.36 -3.97
CA ASN A 91 -3.92 0.07 -3.12
C ASN A 91 -4.10 0.52 -1.66
N TYR A 92 -5.23 0.17 -1.06
CA TYR A 92 -5.49 0.52 0.33
C TYR A 92 -5.13 -0.67 1.21
N ALA A 93 -5.44 -1.87 0.71
CA ALA A 93 -5.16 -3.09 1.46
C ALA A 93 -4.89 -4.27 0.53
N PHE A 94 -3.76 -4.23 -0.16
CA PHE A 94 -3.37 -5.29 -1.09
C PHE A 94 -3.40 -6.60 -0.34
N GLY A 95 -2.73 -6.65 0.80
CA GLY A 95 -2.69 -7.86 1.59
C GLY A 95 -4.05 -8.46 1.88
N GLN A 96 -5.03 -7.60 2.13
CA GLN A 96 -6.38 -8.06 2.42
C GLN A 96 -7.13 -8.56 1.19
N VAL A 97 -6.82 -7.99 0.03
CA VAL A 97 -7.49 -8.42 -1.18
C VAL A 97 -6.99 -9.80 -1.57
N ILE A 98 -5.67 -9.93 -1.67
CA ILE A 98 -5.06 -11.20 -2.05
C ILE A 98 -5.51 -12.28 -1.08
N GLU A 99 -5.56 -11.93 0.20
CA GLU A 99 -5.98 -12.88 1.22
C GLU A 99 -7.42 -13.28 1.02
N GLY A 100 -8.21 -12.37 0.45
CA GLY A 100 -9.62 -12.66 0.21
C GLY A 100 -9.77 -13.65 -0.92
N CYS A 101 -8.95 -13.48 -1.94
CA CYS A 101 -8.98 -14.34 -3.10
C CYS A 101 -8.49 -15.71 -2.69
N ALA A 102 -7.46 -15.73 -1.86
CA ALA A 102 -6.87 -16.98 -1.39
C ALA A 102 -7.79 -17.72 -0.43
N SER A 103 -8.77 -17.02 0.13
CA SER A 103 -9.69 -17.63 1.08
C SER A 103 -10.92 -18.22 0.40
N ASP A 104 -11.13 -17.84 -0.85
CA ASP A 104 -12.26 -18.35 -1.61
C ASP A 104 -11.99 -19.85 -1.81
N ARG A 105 -12.65 -20.67 -1.00
CA ARG A 105 -12.46 -22.12 -1.08
C ARG A 105 -12.80 -22.72 -2.43
N GLU A 106 -13.49 -21.95 -3.27
CA GLU A 106 -13.88 -22.44 -4.58
C GLU A 106 -12.72 -22.38 -5.57
N GLU A 107 -12.09 -21.21 -5.70
CA GLU A 107 -10.99 -21.04 -6.65
C GLU A 107 -9.77 -20.27 -6.14
N GLY A 108 -9.43 -20.46 -4.87
CA GLY A 108 -8.30 -19.76 -4.32
C GLY A 108 -7.23 -20.66 -3.71
N THR A 109 -7.37 -21.97 -3.91
CA THR A 109 -6.40 -22.92 -3.36
C THR A 109 -5.01 -22.66 -3.95
N TRP A 110 -4.97 -22.24 -5.21
CA TRP A 110 -3.70 -21.98 -5.89
C TRP A 110 -2.92 -20.79 -5.32
N ILE A 111 -3.56 -20.00 -4.46
CA ILE A 111 -2.90 -18.85 -3.86
C ILE A 111 -2.28 -19.26 -2.52
N THR A 112 -1.24 -20.08 -2.62
CA THR A 112 -0.51 -20.60 -1.47
C THR A 112 0.18 -19.49 -0.69
N ARG A 113 0.67 -19.83 0.50
CA ARG A 113 1.36 -18.87 1.37
C ARG A 113 2.59 -18.31 0.69
N GLY A 114 3.29 -19.14 -0.08
CA GLY A 114 4.47 -18.68 -0.77
C GLY A 114 4.10 -17.68 -1.86
N VAL A 115 2.91 -17.86 -2.43
CA VAL A 115 2.42 -16.99 -3.48
C VAL A 115 2.03 -15.65 -2.89
N VAL A 116 1.35 -15.69 -1.75
CA VAL A 116 0.94 -14.45 -1.11
C VAL A 116 2.19 -13.61 -0.79
N GLU A 117 3.19 -14.23 -0.18
CA GLU A 117 4.43 -13.52 0.15
C GLU A 117 5.10 -12.99 -1.12
N ALA A 118 5.11 -13.83 -2.15
CA ALA A 118 5.71 -13.46 -3.41
C ALA A 118 5.09 -12.16 -3.92
N TYR A 119 3.76 -12.09 -3.94
CA TYR A 119 3.11 -10.89 -4.44
C TYR A 119 3.12 -9.72 -3.48
N HIS A 120 3.45 -9.99 -2.22
CA HIS A 120 3.53 -8.90 -1.26
C HIS A 120 4.78 -8.10 -1.64
N ARG A 121 5.84 -8.80 -2.03
CA ARG A 121 7.06 -8.14 -2.43
C ARG A 121 6.86 -7.28 -3.67
N LEU A 122 6.16 -7.80 -4.68
CA LEU A 122 5.90 -7.03 -5.90
C LEU A 122 5.10 -5.78 -5.57
N HIS A 123 4.20 -5.91 -4.61
CA HIS A 123 3.39 -4.77 -4.20
C HIS A 123 4.28 -3.77 -3.50
N GLU A 124 5.25 -4.29 -2.75
CA GLU A 124 6.21 -3.46 -2.02
C GLU A 124 7.00 -2.63 -3.02
N LEU A 125 7.49 -3.28 -4.07
CA LEU A 125 8.27 -2.62 -5.10
C LEU A 125 7.43 -1.81 -6.09
N GLY A 126 6.12 -1.80 -5.89
CA GLY A 126 5.24 -1.03 -6.77
C GLY A 126 4.80 -1.62 -8.10
N HIS A 127 4.92 -2.93 -8.28
CA HIS A 127 4.49 -3.54 -9.53
C HIS A 127 3.12 -4.20 -9.42
N ALA A 128 2.81 -4.74 -8.24
CA ALA A 128 1.53 -5.40 -8.01
C ALA A 128 0.60 -4.38 -7.36
N HIS A 129 -0.66 -4.39 -7.77
CA HIS A 129 -1.63 -3.43 -7.25
C HIS A 129 -2.98 -4.05 -6.94
N SER A 130 -3.73 -3.42 -6.04
CA SER A 130 -5.04 -3.94 -5.68
C SER A 130 -6.12 -2.86 -5.80
N ILE A 131 -7.36 -3.33 -5.81
CA ILE A 131 -8.54 -2.48 -5.91
C ILE A 131 -9.51 -3.05 -4.87
N GLU A 132 -9.81 -2.29 -3.83
CA GLU A 132 -10.69 -2.76 -2.76
C GLU A 132 -12.10 -2.20 -2.83
N VAL A 133 -13.09 -3.06 -2.56
CA VAL A 133 -14.48 -2.64 -2.56
C VAL A 133 -15.01 -2.69 -1.13
N TRP A 134 -15.35 -1.51 -0.61
CA TRP A 134 -15.83 -1.43 0.75
C TRP A 134 -17.33 -1.18 0.84
N ARG A 135 -17.95 -1.82 1.83
CA ARG A 135 -19.36 -1.62 2.12
C ARG A 135 -19.23 -1.17 3.56
N GLU A 136 -19.58 0.07 3.85
CA GLU A 136 -19.44 0.59 5.19
C GLU A 136 -17.98 0.40 5.61
N ASP A 137 -17.73 -0.26 6.73
CA ASP A 137 -16.37 -0.47 7.21
C ASP A 137 -15.80 -1.84 6.85
N GLU A 138 -16.47 -2.54 5.94
CA GLU A 138 -16.05 -3.89 5.54
C GLU A 138 -15.53 -4.09 4.11
N LEU A 139 -14.48 -4.90 3.99
CA LEU A 139 -13.92 -5.22 2.69
C LEU A 139 -14.80 -6.35 2.15
N VAL A 140 -15.61 -6.04 1.15
CA VAL A 140 -16.52 -7.04 0.60
C VAL A 140 -16.13 -7.53 -0.79
N GLY A 141 -15.00 -7.06 -1.31
CA GLY A 141 -14.55 -7.49 -2.62
C GLY A 141 -13.33 -6.75 -3.14
N GLY A 142 -12.90 -7.12 -4.34
CA GLY A 142 -11.74 -6.46 -4.90
C GLY A 142 -11.01 -7.33 -5.91
N MET A 143 -9.90 -6.80 -6.41
CA MET A 143 -9.10 -7.51 -7.40
C MET A 143 -7.68 -6.98 -7.30
N TYR A 144 -6.72 -7.75 -7.82
CA TYR A 144 -5.34 -7.32 -7.82
C TYR A 144 -4.59 -7.94 -9.01
N GLY A 145 -3.50 -7.31 -9.40
CA GLY A 145 -2.72 -7.80 -10.51
C GLY A 145 -1.34 -7.19 -10.58
N VAL A 146 -0.68 -7.42 -11.70
CA VAL A 146 0.66 -6.89 -11.92
C VAL A 146 0.60 -5.90 -13.07
N ALA A 147 1.07 -4.69 -12.83
CA ALA A 147 1.07 -3.67 -13.88
C ALA A 147 2.19 -3.97 -14.86
N GLN A 148 1.93 -3.71 -16.13
CA GLN A 148 2.90 -3.95 -17.18
C GLN A 148 2.68 -2.84 -18.22
N GLY A 149 3.12 -1.64 -17.86
CA GLY A 149 2.92 -0.52 -18.76
C GLY A 149 1.43 -0.26 -18.90
N THR A 150 0.96 -0.24 -20.13
CA THR A 150 -0.45 0.00 -20.39
C THR A 150 -1.25 -1.28 -20.27
N LEU A 151 -0.56 -2.38 -20.02
CA LEU A 151 -1.24 -3.67 -19.86
C LEU A 151 -1.33 -4.03 -18.39
N PHE A 152 -2.49 -4.56 -17.99
CA PHE A 152 -2.67 -4.99 -16.61
C PHE A 152 -2.97 -6.48 -16.60
N CYS A 153 -2.13 -7.25 -15.92
CA CYS A 153 -2.35 -8.68 -15.84
C CYS A 153 -3.13 -8.98 -14.58
N GLY A 154 -4.40 -9.31 -14.76
CA GLY A 154 -5.25 -9.62 -13.63
C GLY A 154 -4.87 -10.98 -13.09
N GLU A 155 -4.73 -11.06 -11.77
CA GLU A 155 -4.37 -12.32 -11.16
C GLU A 155 -5.59 -13.00 -10.61
N SER A 156 -6.41 -12.24 -9.89
CA SER A 156 -7.61 -12.79 -9.27
C SER A 156 -8.50 -11.70 -8.67
N MET A 157 -9.73 -12.08 -8.36
CA MET A 157 -10.70 -11.17 -7.76
C MET A 157 -11.58 -12.00 -6.83
N PHE A 158 -12.18 -11.36 -5.84
CA PHE A 158 -13.07 -12.06 -4.91
C PHE A 158 -14.31 -11.20 -4.66
N SER A 159 -15.28 -11.74 -3.92
CA SER A 159 -16.51 -11.01 -3.66
C SER A 159 -17.30 -11.60 -2.49
N ARG A 160 -17.74 -10.72 -1.60
CA ARG A 160 -18.48 -11.16 -0.43
C ARG A 160 -19.85 -10.50 -0.36
N MET A 161 -20.16 -9.69 -1.36
CA MET A 161 -21.46 -9.02 -1.39
C MET A 161 -21.85 -8.78 -2.84
N GLU A 162 -23.10 -9.05 -3.16
CA GLU A 162 -23.60 -8.90 -4.52
C GLU A 162 -23.01 -7.72 -5.30
N ASN A 163 -22.57 -7.98 -6.53
CA ASN A 163 -21.99 -6.94 -7.38
C ASN A 163 -20.74 -6.25 -6.84
N ALA A 164 -20.06 -6.87 -5.88
CA ALA A 164 -18.84 -6.28 -5.31
C ALA A 164 -17.71 -6.26 -6.33
N SER A 165 -17.35 -7.44 -6.82
CA SER A 165 -16.26 -7.53 -7.77
C SER A 165 -16.58 -6.89 -9.13
N LYS A 166 -17.86 -6.77 -9.49
CA LYS A 166 -18.18 -6.12 -10.76
C LYS A 166 -17.91 -4.64 -10.58
N THR A 167 -18.33 -4.09 -9.44
CA THR A 167 -18.12 -2.67 -9.15
C THR A 167 -16.63 -2.35 -9.21
N ALA A 168 -15.82 -3.22 -8.63
CA ALA A 168 -14.36 -3.06 -8.62
C ALA A 168 -13.81 -2.94 -10.03
N LEU A 169 -14.24 -3.85 -10.90
CA LEU A 169 -13.78 -3.87 -12.27
C LEU A 169 -14.32 -2.67 -13.07
N LEU A 170 -15.58 -2.33 -12.81
CA LEU A 170 -16.23 -1.22 -13.47
C LEU A 170 -15.50 0.09 -13.18
N VAL A 171 -15.23 0.37 -11.91
CA VAL A 171 -14.53 1.60 -11.57
C VAL A 171 -13.09 1.55 -12.10
N PHE A 172 -12.45 0.40 -11.98
CA PHE A 172 -11.08 0.26 -12.47
C PHE A 172 -10.96 0.57 -13.95
N CYS A 173 -11.80 -0.06 -14.77
CA CYS A 173 -11.76 0.15 -16.21
C CYS A 173 -11.92 1.61 -16.58
N GLU A 174 -12.84 2.30 -15.90
CA GLU A 174 -13.04 3.72 -16.17
C GLU A 174 -11.75 4.47 -15.91
N GLU A 175 -11.16 4.26 -14.73
CA GLU A 175 -9.92 4.93 -14.35
C GLU A 175 -8.79 4.52 -15.30
N PHE A 176 -8.70 3.22 -15.56
CA PHE A 176 -7.66 2.68 -16.43
C PHE A 176 -7.75 3.28 -17.83
N ILE A 177 -8.94 3.24 -18.43
CA ILE A 177 -9.09 3.82 -19.76
C ILE A 177 -8.70 5.29 -19.74
N GLY A 178 -9.24 6.02 -18.76
CA GLY A 178 -8.96 7.44 -18.63
C GLY A 178 -7.51 7.84 -18.71
N HIS A 179 -6.61 7.00 -18.23
CA HIS A 179 -5.18 7.32 -18.26
C HIS A 179 -4.35 6.52 -19.25
N GLY A 180 -5.01 5.97 -20.27
CA GLY A 180 -4.27 5.25 -21.28
C GLY A 180 -4.07 3.76 -21.12
N GLY A 181 -4.77 3.13 -20.17
CA GLY A 181 -4.63 1.69 -20.01
C GLY A 181 -5.16 1.08 -21.29
N LYS A 182 -4.44 0.11 -21.83
CA LYS A 182 -4.85 -0.50 -23.10
C LYS A 182 -5.48 -1.89 -23.06
N LEU A 183 -4.98 -2.75 -22.18
CA LEU A 183 -5.51 -4.11 -22.11
C LEU A 183 -5.38 -4.74 -20.72
N ILE A 184 -6.29 -5.66 -20.42
CA ILE A 184 -6.30 -6.38 -19.17
C ILE A 184 -6.21 -7.87 -19.46
N ASP A 185 -5.08 -8.49 -19.08
CA ASP A 185 -4.86 -9.91 -19.28
C ASP A 185 -5.74 -10.69 -18.31
N CYS A 186 -6.43 -11.71 -18.82
CA CYS A 186 -7.31 -12.53 -17.99
C CYS A 186 -6.80 -13.96 -17.93
N GLN A 187 -5.67 -14.19 -18.59
CA GLN A 187 -5.01 -15.49 -18.62
C GLN A 187 -5.84 -16.58 -19.29
N VAL A 188 -6.82 -17.10 -18.57
CA VAL A 188 -7.68 -18.15 -19.11
C VAL A 188 -9.16 -17.74 -19.08
N LEU A 189 -9.93 -18.25 -20.04
CA LEU A 189 -11.35 -17.93 -20.15
C LEU A 189 -12.25 -18.84 -19.30
N ASN A 190 -13.06 -18.23 -18.45
CA ASN A 190 -14.00 -18.94 -17.58
C ASN A 190 -15.38 -18.31 -17.76
N ASP A 191 -16.38 -18.82 -17.06
CA ASP A 191 -17.74 -18.29 -17.17
C ASP A 191 -17.90 -16.84 -16.74
N HIS A 192 -17.37 -16.50 -15.57
CA HIS A 192 -17.47 -15.14 -15.06
C HIS A 192 -16.67 -14.18 -15.96
N THR A 193 -15.43 -14.55 -16.24
CA THR A 193 -14.55 -13.75 -17.08
C THR A 193 -15.19 -13.46 -18.45
N ALA A 194 -15.87 -14.45 -19.01
CA ALA A 194 -16.52 -14.29 -20.31
C ALA A 194 -17.76 -13.42 -20.22
N SER A 195 -18.52 -13.54 -19.13
CA SER A 195 -19.73 -12.75 -18.96
C SER A 195 -19.39 -11.27 -18.88
N LEU A 196 -18.20 -10.97 -18.37
CA LEU A 196 -17.74 -9.59 -18.22
C LEU A 196 -17.30 -8.99 -19.56
N GLY A 197 -17.09 -9.85 -20.55
CA GLY A 197 -16.69 -9.39 -21.86
C GLY A 197 -15.31 -9.84 -22.30
N ALA A 198 -14.66 -10.65 -21.47
CA ALA A 198 -13.35 -11.14 -21.81
C ALA A 198 -13.46 -12.02 -23.04
N CYS A 199 -12.35 -12.18 -23.75
CA CYS A 199 -12.35 -13.00 -24.95
C CYS A 199 -10.99 -13.65 -25.14
N GLU A 200 -10.89 -14.46 -26.19
CA GLU A 200 -9.63 -15.14 -26.48
C GLU A 200 -8.95 -14.64 -27.75
N ILE A 201 -7.63 -14.45 -27.65
CA ILE A 201 -6.82 -14.01 -28.77
C ILE A 201 -5.65 -14.98 -28.77
N PRO A 202 -5.06 -15.27 -29.93
CA PRO A 202 -3.92 -16.19 -30.02
C PRO A 202 -2.75 -15.75 -29.15
N ARG A 203 -1.99 -16.72 -28.65
CA ARG A 203 -0.83 -16.45 -27.79
C ARG A 203 0.14 -15.47 -28.45
N ARG A 204 0.51 -15.72 -29.70
CA ARG A 204 1.46 -14.83 -30.39
C ARG A 204 0.88 -13.44 -30.61
N ASP A 205 -0.44 -13.32 -30.62
CA ASP A 205 -1.07 -12.02 -30.75
C ASP A 205 -0.94 -11.31 -29.41
N TYR A 206 -1.17 -12.06 -28.33
CA TYR A 206 -1.05 -11.53 -26.97
C TYR A 206 0.39 -11.12 -26.70
N LEU A 207 1.34 -11.95 -27.08
CA LEU A 207 2.74 -11.63 -26.86
C LEU A 207 3.15 -10.34 -27.56
N ASN A 208 2.62 -10.06 -28.74
CA ASN A 208 2.98 -8.83 -29.43
C ASN A 208 2.40 -7.62 -28.72
N TYR A 209 1.19 -7.76 -28.18
CA TYR A 209 0.56 -6.68 -27.44
C TYR A 209 1.44 -6.39 -26.23
N LEU A 210 1.77 -7.45 -25.48
CA LEU A 210 2.60 -7.36 -24.28
C LEU A 210 3.90 -6.60 -24.55
N ASN A 211 4.65 -7.04 -25.56
CA ASN A 211 5.92 -6.39 -25.90
C ASN A 211 5.74 -4.91 -26.26
N GLN A 212 4.57 -4.61 -26.81
CA GLN A 212 4.24 -3.25 -27.20
C GLN A 212 3.76 -2.44 -26.01
N MET A 213 2.77 -2.97 -25.29
CA MET A 213 2.17 -2.30 -24.14
C MET A 213 3.08 -2.19 -22.93
N ARG A 214 4.07 -3.09 -22.85
CA ARG A 214 5.02 -3.05 -21.74
C ARG A 214 5.81 -1.76 -21.83
N LEU A 215 6.07 -1.32 -23.06
CA LEU A 215 6.83 -0.12 -23.31
C LEU A 215 6.00 1.14 -23.04
N GLY A 216 4.73 1.12 -23.44
CA GLY A 216 3.89 2.27 -23.19
C GLY A 216 3.89 2.55 -21.70
N ARG A 217 3.48 3.74 -21.29
CA ARG A 217 3.47 4.05 -19.86
C ARG A 217 2.22 4.79 -19.40
N LEU A 218 1.94 4.67 -18.11
CA LEU A 218 0.79 5.34 -17.48
C LEU A 218 1.35 6.50 -16.65
N PRO A 219 0.48 7.42 -16.20
CA PRO A 219 0.99 8.55 -15.41
C PRO A 219 1.81 8.10 -14.20
N ASN A 220 3.01 8.64 -14.08
CA ASN A 220 3.94 8.32 -13.00
C ASN A 220 3.28 7.95 -11.65
N ASN A 221 2.22 8.66 -11.28
CA ASN A 221 1.56 8.40 -9.99
C ASN A 221 0.15 7.79 -10.11
N PHE A 222 -0.10 7.04 -11.17
CA PHE A 222 -1.41 6.42 -11.40
C PHE A 222 -1.83 5.48 -10.24
N TRP A 223 -0.85 4.78 -9.67
CA TRP A 223 -1.11 3.81 -8.60
C TRP A 223 -1.01 4.26 -7.14
N VAL A 224 -0.99 5.57 -6.88
CA VAL A 224 -0.90 6.03 -5.49
C VAL A 224 -2.18 5.73 -4.74
N PRO A 225 -2.07 5.30 -3.48
CA PRO A 225 -3.27 5.00 -2.70
C PRO A 225 -4.28 6.14 -2.69
N ARG A 226 -5.51 5.85 -3.10
CA ARG A 226 -6.57 6.84 -3.10
C ARG A 226 -7.94 6.22 -3.30
N CYS A 227 -8.95 7.07 -3.21
CA CYS A 227 -10.33 6.67 -3.39
C CYS A 227 -10.68 6.92 -4.85
N LEU A 228 -11.29 5.94 -5.50
CA LEU A 228 -11.66 6.08 -6.91
C LEU A 228 -13.14 6.34 -7.04
N PHE A 229 -13.89 5.95 -6.01
CA PHE A 229 -15.33 6.12 -6.05
C PHE A 229 -15.96 6.00 -4.67
N SER A 230 -16.81 6.96 -4.33
CA SER A 230 -17.48 6.92 -3.04
C SER A 230 -18.98 7.12 -3.20
N PRO A 231 -19.77 6.35 -2.45
CA PRO A 231 -21.24 6.37 -2.44
C PRO A 231 -21.82 7.62 -1.75
N ARG B 1 -19.62 21.28 14.92
CA ARG B 1 -20.19 20.29 15.90
C ARG B 1 -19.42 18.97 15.85
N LEU B 2 -19.44 18.26 16.99
CA LEU B 2 -18.74 16.98 17.11
C LEU B 2 -19.55 15.84 16.52
N VAL B 3 -19.02 15.24 15.45
CA VAL B 3 -19.70 14.14 14.79
C VAL B 3 -19.45 12.78 15.44
N GLN B 4 -20.53 12.02 15.64
CA GLN B 4 -20.46 10.68 16.22
C GLN B 4 -20.29 9.70 15.08
N LEU B 5 -19.14 9.05 15.01
CA LEU B 5 -18.89 8.08 13.95
C LEU B 5 -19.58 6.76 14.28
N SER B 6 -19.67 5.88 13.28
CA SER B 6 -20.33 4.59 13.44
C SER B 6 -19.79 3.62 12.41
N ARG B 7 -20.18 2.36 12.51
CA ARG B 7 -19.72 1.35 11.57
C ARG B 7 -20.33 1.56 10.17
N HIS B 8 -21.34 2.43 10.08
CA HIS B 8 -22.02 2.66 8.80
C HIS B 8 -21.25 3.44 7.77
N SER B 9 -20.41 4.39 8.19
CA SER B 9 -19.64 5.16 7.22
C SER B 9 -18.17 5.29 7.63
N ILE B 10 -17.28 5.27 6.64
CA ILE B 10 -15.86 5.39 6.87
C ILE B 10 -15.38 6.82 6.65
N ALA B 11 -16.23 7.61 6.01
CA ALA B 11 -15.93 9.01 5.72
C ALA B 11 -15.78 9.90 6.98
N PHE B 12 -15.34 11.13 6.77
CA PHE B 12 -15.14 12.08 7.85
C PHE B 12 -15.73 13.45 7.54
N PRO B 13 -15.93 14.29 8.57
CA PRO B 13 -16.48 15.64 8.43
C PRO B 13 -15.34 16.55 7.96
N SER B 14 -15.67 17.67 7.34
CA SER B 14 -14.64 18.58 6.88
C SER B 14 -13.90 19.12 8.11
N PRO B 15 -12.55 19.11 8.08
CA PRO B 15 -11.74 19.60 9.22
C PRO B 15 -11.99 21.06 9.57
N GLU B 16 -12.43 21.84 8.59
CA GLU B 16 -12.73 23.24 8.83
C GLU B 16 -13.72 23.36 9.98
N GLY B 17 -14.44 22.26 10.24
CA GLY B 17 -15.43 22.25 11.31
C GLY B 17 -14.97 21.75 12.66
N ALA B 18 -13.67 21.47 12.81
CA ALA B 18 -13.14 20.98 14.08
C ALA B 18 -13.29 22.07 15.13
N LEU B 19 -13.36 21.68 16.40
CA LEU B 19 -13.50 22.64 17.48
C LEU B 19 -12.25 23.51 17.60
N ARG B 20 -12.37 24.60 18.34
CA ARG B 20 -11.25 25.52 18.56
C ARG B 20 -10.55 25.09 19.84
N GLU B 21 -11.35 24.66 20.82
CA GLU B 21 -10.83 24.22 22.12
C GLU B 21 -11.68 23.10 22.71
N PRO B 22 -11.08 21.91 22.93
CA PRO B 22 -9.68 21.57 22.66
C PRO B 22 -9.34 21.72 21.18
N ASN B 23 -8.16 22.25 20.92
CA ASN B 23 -7.71 22.50 19.56
C ASN B 23 -7.69 21.31 18.63
N GLY B 24 -8.68 21.23 17.74
CA GLY B 24 -8.71 20.13 16.79
C GLY B 24 -9.85 19.12 16.85
N LEU B 25 -10.31 18.78 18.06
CA LEU B 25 -11.40 17.81 18.26
C LEU B 25 -12.44 17.90 17.14
N LEU B 26 -12.46 16.89 16.28
CA LEU B 26 -13.35 16.86 15.13
C LEU B 26 -14.46 15.81 15.17
N ALA B 27 -14.18 14.65 15.75
CA ALA B 27 -15.18 13.59 15.82
C ALA B 27 -14.77 12.53 16.81
N LEU B 28 -15.61 11.51 16.96
CA LEU B 28 -15.26 10.41 17.84
C LEU B 28 -16.07 9.18 17.51
N GLY B 29 -15.54 8.02 17.89
CA GLY B 29 -16.21 6.77 17.65
C GLY B 29 -15.58 6.03 16.51
N GLY B 30 -16.39 5.22 15.82
CA GLY B 30 -15.88 4.44 14.72
C GLY B 30 -15.00 3.32 15.23
N ASP B 31 -13.90 3.08 14.52
CA ASP B 31 -12.95 2.04 14.88
C ASP B 31 -11.60 2.43 14.30
N LEU B 32 -10.59 1.61 14.49
CA LEU B 32 -9.26 1.92 13.99
C LEU B 32 -8.87 1.03 12.81
N SER B 33 -9.88 0.64 12.02
CA SER B 33 -9.70 -0.19 10.85
C SER B 33 -8.81 0.52 9.83
N PRO B 34 -8.04 -0.24 9.04
CA PRO B 34 -7.12 0.29 8.01
C PRO B 34 -7.74 1.35 7.11
N ALA B 35 -8.82 0.99 6.45
CA ALA B 35 -9.50 1.89 5.55
C ALA B 35 -9.91 3.22 6.21
N ARG B 36 -10.46 3.16 7.43
CA ARG B 36 -10.86 4.38 8.11
C ARG B 36 -9.66 5.25 8.45
N LEU B 37 -8.57 4.62 8.87
CA LEU B 37 -7.36 5.36 9.21
C LEU B 37 -6.81 6.09 7.98
N LEU B 38 -6.71 5.37 6.85
CA LEU B 38 -6.21 5.99 5.63
C LEU B 38 -7.13 7.14 5.27
N MET B 39 -8.43 6.87 5.27
CA MET B 39 -9.43 7.88 4.97
C MET B 39 -9.11 9.14 5.77
N ALA B 40 -8.84 8.96 7.05
CA ALA B 40 -8.52 10.05 7.98
C ALA B 40 -7.23 10.81 7.61
N TYR B 41 -6.13 10.08 7.47
CA TYR B 41 -4.85 10.69 7.14
C TYR B 41 -4.87 11.49 5.86
N GLN B 42 -5.64 11.00 4.89
CA GLN B 42 -5.75 11.64 3.59
C GLN B 42 -6.57 12.91 3.63
N ARG B 43 -7.28 13.12 4.74
CA ARG B 43 -8.09 14.32 4.92
C ARG B 43 -7.51 15.17 6.05
N GLY B 44 -6.26 14.89 6.40
CA GLY B 44 -5.58 15.64 7.45
C GLY B 44 -6.07 15.41 8.86
N ILE B 45 -6.65 14.23 9.11
CA ILE B 45 -7.18 13.87 10.43
C ILE B 45 -6.35 12.74 11.02
N PHE B 46 -6.31 12.66 12.35
CA PHE B 46 -5.55 11.60 13.01
C PHE B 46 -6.17 11.28 14.37
N PRO B 47 -6.08 10.01 14.80
CA PRO B 47 -6.65 9.60 16.10
C PRO B 47 -5.70 9.83 17.27
N TRP B 48 -6.28 10.18 18.41
CA TRP B 48 -5.53 10.40 19.63
C TRP B 48 -6.49 10.36 20.81
N PHE B 49 -6.23 9.48 21.77
CA PHE B 49 -7.13 9.38 22.91
C PHE B 49 -6.51 8.50 23.96
N SER B 50 -6.92 8.66 25.21
CA SER B 50 -6.35 7.84 26.27
C SER B 50 -7.17 6.59 26.54
N PRO B 51 -6.56 5.60 27.21
CA PRO B 51 -7.21 4.32 27.54
C PRO B 51 -8.50 4.50 28.34
N GLY B 52 -9.57 3.87 27.88
CA GLY B 52 -10.86 3.97 28.55
C GLY B 52 -11.84 4.88 27.84
N ASP B 53 -11.31 5.86 27.10
CA ASP B 53 -12.15 6.80 26.36
C ASP B 53 -12.42 6.31 24.96
N PRO B 54 -13.47 6.86 24.32
CA PRO B 54 -13.83 6.48 22.95
C PRO B 54 -12.78 7.09 22.03
N ILE B 55 -12.71 6.61 20.81
CA ILE B 55 -11.73 7.12 19.86
C ILE B 55 -11.98 8.59 19.53
N LEU B 56 -10.93 9.40 19.58
CA LEU B 56 -11.04 10.83 19.26
C LEU B 56 -10.24 11.15 18.01
N TRP B 57 -10.83 11.94 17.12
CA TRP B 57 -10.15 12.31 15.90
C TRP B 57 -9.85 13.80 15.87
N TRP B 58 -8.63 14.15 15.48
CA TRP B 58 -8.20 15.53 15.47
C TRP B 58 -7.60 16.05 14.18
N SER B 59 -7.64 17.38 14.07
CA SER B 59 -7.08 18.11 12.95
C SER B 59 -6.89 19.52 13.51
N PRO B 60 -5.89 19.69 14.41
CA PRO B 60 -5.60 20.98 15.04
C PRO B 60 -5.18 22.10 14.11
N ASP B 61 -5.40 23.33 14.58
CA ASP B 61 -5.05 24.53 13.83
C ASP B 61 -4.58 25.61 14.78
N PRO B 62 -3.34 26.06 14.64
CA PRO B 62 -2.31 25.66 13.67
C PRO B 62 -1.84 24.21 13.79
N ARG B 63 -1.08 23.77 12.80
CA ARG B 63 -0.57 22.40 12.75
C ARG B 63 0.96 22.35 12.88
N ALA B 64 1.45 21.41 13.67
CA ALA B 64 2.89 21.25 13.85
C ALA B 64 3.44 20.54 12.62
N VAL B 65 4.56 21.04 12.12
CA VAL B 65 5.16 20.48 10.94
C VAL B 65 6.69 20.64 10.99
N LEU B 66 7.41 19.77 10.28
CA LEU B 66 8.87 19.85 10.24
C LEU B 66 9.41 19.76 8.82
N TRP B 67 10.06 20.82 8.34
CA TRP B 67 10.66 20.79 7.00
C TRP B 67 12.00 20.07 7.16
N PRO B 68 12.14 18.90 6.54
CA PRO B 68 13.35 18.06 6.60
C PRO B 68 14.67 18.81 6.66
N GLU B 69 14.86 19.77 5.77
CA GLU B 69 16.08 20.56 5.71
C GLU B 69 16.30 21.44 6.94
N SER B 70 15.20 21.82 7.59
CA SER B 70 15.26 22.68 8.77
C SER B 70 15.45 21.88 10.06
N LEU B 71 15.66 20.58 9.94
CA LEU B 71 15.88 19.77 11.13
C LEU B 71 17.09 20.36 11.83
N HIS B 72 16.94 20.70 13.10
CA HIS B 72 18.05 21.27 13.83
C HIS B 72 18.94 20.20 14.45
N ILE B 73 20.24 20.33 14.20
CA ILE B 73 21.24 19.40 14.73
C ILE B 73 22.33 20.24 15.36
N SER B 74 22.54 20.04 16.67
CA SER B 74 23.55 20.78 17.41
C SER B 74 24.98 20.40 17.02
N ARG B 75 25.90 21.32 17.31
CA ARG B 75 27.32 21.11 17.03
C ARG B 75 27.76 19.82 17.69
N SER B 76 27.23 19.61 18.90
CA SER B 76 27.52 18.44 19.70
C SER B 76 27.02 17.14 19.03
N MET B 77 25.77 17.16 18.59
CA MET B 77 25.18 15.99 17.94
C MET B 77 25.92 15.55 16.67
N LYS B 78 26.37 16.51 15.87
CA LYS B 78 27.11 16.18 14.66
C LYS B 78 28.38 15.45 15.04
N ARG B 79 29.05 15.90 16.09
CA ARG B 79 30.27 15.25 16.53
C ARG B 79 29.95 13.83 16.94
N PHE B 80 28.81 13.68 17.61
CA PHE B 80 28.36 12.38 18.05
C PHE B 80 28.13 11.51 16.82
N HIS B 81 27.34 11.99 15.88
CA HIS B 81 27.03 11.22 14.68
C HIS B 81 28.21 10.91 13.77
N LYS B 82 29.21 11.78 13.76
CA LYS B 82 30.39 11.55 12.94
C LYS B 82 31.14 10.31 13.43
N ARG B 83 30.87 9.93 14.67
CA ARG B 83 31.47 8.76 15.28
C ARG B 83 30.35 7.98 15.98
N SER B 84 29.19 7.94 15.33
CA SER B 84 28.02 7.25 15.87
C SER B 84 28.23 5.79 16.20
N PRO B 85 27.70 5.35 17.34
CA PRO B 85 27.81 3.96 17.78
C PRO B 85 26.53 3.22 17.38
N TYR B 86 25.68 3.90 16.63
CA TYR B 86 24.40 3.33 16.20
C TYR B 86 24.31 2.93 14.74
N ARG B 87 23.38 2.01 14.48
CA ARG B 87 23.08 1.54 13.12
C ARG B 87 21.59 1.85 12.93
N VAL B 88 21.24 2.34 11.76
CA VAL B 88 19.85 2.68 11.49
C VAL B 88 19.27 1.89 10.31
N THR B 89 18.20 1.16 10.57
CA THR B 89 17.55 0.37 9.54
C THR B 89 16.14 0.87 9.31
N MET B 90 15.50 0.39 8.26
CA MET B 90 14.14 0.80 7.94
C MET B 90 13.18 -0.39 7.83
N ASN B 91 12.04 -0.28 8.51
CA ASN B 91 11.02 -1.32 8.51
C ASN B 91 11.51 -2.73 8.87
N TYR B 92 12.46 -2.83 9.79
CA TYR B 92 12.97 -4.13 10.21
C TYR B 92 12.20 -4.66 11.42
N ALA B 93 11.83 -3.77 12.33
CA ALA B 93 11.10 -4.17 13.54
C ALA B 93 10.01 -3.17 13.94
N PHE B 94 9.05 -2.96 13.06
CA PHE B 94 7.97 -2.04 13.33
C PHE B 94 7.36 -2.32 14.71
N GLY B 95 7.14 -3.60 14.99
CA GLY B 95 6.55 -3.99 16.25
C GLY B 95 7.36 -3.53 17.44
N GLN B 96 8.65 -3.85 17.45
CA GLN B 96 9.52 -3.46 18.55
C GLN B 96 9.53 -1.95 18.73
N VAL B 97 9.49 -1.22 17.61
CA VAL B 97 9.51 0.24 17.67
C VAL B 97 8.25 0.83 18.31
N ILE B 98 7.09 0.56 17.72
CA ILE B 98 5.86 1.10 18.26
C ILE B 98 5.70 0.66 19.71
N GLU B 99 6.13 -0.56 20.01
CA GLU B 99 6.05 -1.09 21.37
C GLU B 99 6.93 -0.25 22.29
N GLY B 100 8.05 0.19 21.75
CA GLY B 100 8.97 1.02 22.52
C GLY B 100 8.36 2.36 22.85
N CYS B 101 7.69 2.96 21.87
CA CYS B 101 7.02 4.24 22.04
C CYS B 101 5.86 4.09 23.00
N ALA B 102 5.12 2.99 22.85
CA ALA B 102 3.98 2.70 23.71
C ALA B 102 4.48 2.46 25.13
N SER B 103 5.65 1.83 25.24
CA SER B 103 6.24 1.54 26.55
C SER B 103 6.59 2.80 27.32
N ASP B 104 6.87 3.89 26.61
CA ASP B 104 7.21 5.15 27.25
C ASP B 104 6.05 5.63 28.12
N ARG B 105 6.27 5.65 29.43
CA ARG B 105 5.23 6.06 30.35
C ARG B 105 4.86 7.53 30.23
N GLU B 106 5.84 8.37 29.93
CA GLU B 106 5.58 9.80 29.82
C GLU B 106 4.90 10.29 28.55
N GLU B 107 4.98 9.52 27.46
CA GLU B 107 4.36 9.95 26.21
C GLU B 107 3.61 8.86 25.45
N GLY B 108 3.79 7.61 25.82
CA GLY B 108 3.15 6.50 25.12
C GLY B 108 1.74 6.12 25.57
N THR B 109 1.18 6.91 26.47
CA THR B 109 -0.16 6.65 26.99
C THR B 109 -1.20 6.47 25.88
N TRP B 110 -1.25 7.41 24.95
CA TRP B 110 -2.21 7.35 23.85
C TRP B 110 -2.00 6.14 22.98
N ILE B 111 -0.91 5.42 23.19
CA ILE B 111 -0.64 4.24 22.38
C ILE B 111 -1.14 3.01 23.10
N THR B 112 -2.45 2.82 23.01
CA THR B 112 -3.14 1.70 23.63
C THR B 112 -2.86 0.44 22.83
N ARG B 113 -3.38 -0.68 23.31
CA ARG B 113 -3.21 -1.96 22.63
C ARG B 113 -3.94 -1.87 21.29
N GLY B 114 -5.09 -1.21 21.29
CA GLY B 114 -5.88 -1.06 20.07
C GLY B 114 -5.18 -0.24 19.00
N VAL B 115 -4.41 0.74 19.45
CA VAL B 115 -3.67 1.60 18.54
C VAL B 115 -2.47 0.85 17.96
N VAL B 116 -1.82 0.05 18.81
CA VAL B 116 -0.66 -0.74 18.38
C VAL B 116 -1.05 -1.71 17.28
N GLU B 117 -2.05 -2.54 17.54
CA GLU B 117 -2.50 -3.51 16.55
C GLU B 117 -2.95 -2.81 15.27
N ALA B 118 -3.58 -1.66 15.44
CA ALA B 118 -4.06 -0.87 14.30
C ALA B 118 -2.95 -0.42 13.38
N TYR B 119 -1.91 0.22 13.95
CA TYR B 119 -0.83 0.69 13.09
C TYR B 119 0.06 -0.45 12.63
N HIS B 120 0.09 -1.54 13.39
CA HIS B 120 0.90 -2.64 12.92
C HIS B 120 0.25 -3.11 11.61
N ARG B 121 -1.08 -3.09 11.58
CA ARG B 121 -1.88 -3.48 10.43
C ARG B 121 -1.53 -2.59 9.23
N LEU B 122 -1.48 -1.28 9.46
CA LEU B 122 -1.11 -0.35 8.40
C LEU B 122 0.30 -0.68 7.93
N HIS B 123 1.15 -1.09 8.86
CA HIS B 123 2.52 -1.43 8.51
C HIS B 123 2.53 -2.63 7.56
N GLU B 124 1.83 -3.68 7.94
CA GLU B 124 1.78 -4.88 7.11
C GLU B 124 1.17 -4.60 5.75
N LEU B 125 0.31 -3.59 5.68
CA LEU B 125 -0.29 -3.24 4.41
C LEU B 125 0.58 -2.20 3.67
N GLY B 126 1.75 -1.92 4.24
CA GLY B 126 2.69 -0.98 3.66
C GLY B 126 2.46 0.52 3.68
N HIS B 127 1.68 1.04 4.64
CA HIS B 127 1.44 2.48 4.74
C HIS B 127 2.14 3.07 5.97
N ALA B 128 2.43 2.22 6.95
CA ALA B 128 3.11 2.64 8.17
C ALA B 128 4.55 2.11 8.11
N HIS B 129 5.51 2.95 8.49
CA HIS B 129 6.92 2.57 8.43
C HIS B 129 7.68 2.94 9.70
N SER B 130 8.71 2.17 10.01
CA SER B 130 9.51 2.41 11.20
C SER B 130 10.99 2.55 10.89
N ILE B 131 11.64 3.42 11.64
CA ILE B 131 13.08 3.64 11.54
C ILE B 131 13.64 3.08 12.84
N GLU B 132 14.57 2.12 12.75
CA GLU B 132 15.13 1.51 13.95
C GLU B 132 16.59 1.91 14.22
N VAL B 133 16.90 2.12 15.50
CA VAL B 133 18.22 2.49 15.94
C VAL B 133 18.78 1.35 16.77
N TRP B 134 19.87 0.76 16.31
CA TRP B 134 20.47 -0.35 17.02
C TRP B 134 21.83 -0.04 17.62
N ARG B 135 22.08 -0.59 18.80
CA ARG B 135 23.37 -0.48 19.46
C ARG B 135 23.69 -1.94 19.69
N GLU B 136 24.59 -2.48 18.88
CA GLU B 136 24.94 -3.89 18.94
C GLU B 136 23.79 -4.62 18.29
N ASP B 137 23.05 -5.41 19.08
CA ASP B 137 21.90 -6.13 18.53
C ASP B 137 20.68 -5.77 19.35
N GLU B 138 20.75 -4.65 20.05
CA GLU B 138 19.66 -4.19 20.89
C GLU B 138 19.00 -2.92 20.36
N LEU B 139 17.68 -2.97 20.22
CA LEU B 139 16.94 -1.82 19.76
C LEU B 139 16.95 -0.81 20.91
N VAL B 140 17.60 0.33 20.72
CA VAL B 140 17.66 1.34 21.76
C VAL B 140 16.97 2.62 21.35
N GLY B 141 16.26 2.60 20.23
CA GLY B 141 15.57 3.78 19.75
C GLY B 141 14.89 3.66 18.39
N GLY B 142 13.94 4.55 18.12
CA GLY B 142 13.27 4.51 16.84
C GLY B 142 12.09 5.46 16.75
N MET B 143 11.49 5.52 15.56
CA MET B 143 10.34 6.36 15.28
C MET B 143 9.50 5.61 14.25
N TYR B 144 8.26 6.03 14.06
CA TYR B 144 7.40 5.40 13.06
C TYR B 144 6.29 6.36 12.67
N GLY B 145 5.66 6.10 11.53
CA GLY B 145 4.61 6.97 11.07
C GLY B 145 3.92 6.46 9.82
N VAL B 146 3.07 7.30 9.25
CA VAL B 146 2.33 6.96 8.04
C VAL B 146 2.86 7.81 6.86
N ALA B 147 3.05 7.18 5.72
CA ALA B 147 3.54 7.88 4.54
C ALA B 147 2.37 8.36 3.67
N GLN B 148 2.56 9.51 3.04
CA GLN B 148 1.54 10.08 2.17
C GLN B 148 2.29 10.69 1.00
N GLY B 149 2.87 9.85 0.16
CA GLY B 149 3.63 10.36 -0.97
C GLY B 149 4.91 11.01 -0.48
N THR B 150 5.06 12.30 -0.73
CA THR B 150 6.26 12.99 -0.28
C THR B 150 6.07 13.63 1.09
N LEU B 151 4.96 13.28 1.74
CA LEU B 151 4.68 13.78 3.08
C LEU B 151 4.77 12.63 4.09
N PHE B 152 5.42 12.86 5.22
CA PHE B 152 5.51 11.81 6.25
C PHE B 152 4.83 12.28 7.53
N CYS B 153 3.87 11.50 8.00
CA CYS B 153 3.15 11.85 9.22
C CYS B 153 3.76 11.08 10.37
N GLY B 154 4.48 11.81 11.22
CA GLY B 154 5.15 11.20 12.35
C GLY B 154 4.26 10.86 13.52
N GLU B 155 4.24 9.59 13.88
CA GLU B 155 3.41 9.16 14.98
C GLU B 155 4.07 9.33 16.34
N SER B 156 5.28 8.80 16.47
CA SER B 156 6.00 8.90 17.72
C SER B 156 7.43 8.39 17.58
N MET B 157 8.22 8.63 18.61
CA MET B 157 9.59 8.17 18.66
C MET B 157 9.90 7.80 20.11
N PHE B 158 10.96 7.02 20.32
CA PHE B 158 11.34 6.62 21.67
C PHE B 158 12.86 6.47 21.77
N SER B 159 13.36 6.46 23.00
CA SER B 159 14.79 6.34 23.19
C SER B 159 15.14 5.68 24.51
N ARG B 160 16.11 4.78 24.47
CA ARG B 160 16.57 4.06 25.64
C ARG B 160 18.09 4.23 25.75
N MET B 161 18.64 5.05 24.86
CA MET B 161 20.06 5.36 24.88
C MET B 161 20.28 6.74 24.30
N GLU B 162 21.15 7.51 24.95
CA GLU B 162 21.43 8.87 24.53
C GLU B 162 21.51 9.07 23.01
N ASN B 163 20.81 10.09 22.53
CA ASN B 163 20.80 10.46 21.09
C ASN B 163 20.28 9.43 20.08
N ALA B 164 19.56 8.42 20.54
CA ALA B 164 19.05 7.40 19.63
C ALA B 164 17.97 7.95 18.70
N SER B 165 16.99 8.67 19.23
CA SER B 165 15.95 9.18 18.36
C SER B 165 16.43 10.33 17.50
N LYS B 166 17.44 11.07 17.96
CA LYS B 166 17.97 12.16 17.13
C LYS B 166 18.62 11.54 15.91
N THR B 167 19.26 10.38 16.10
CA THR B 167 19.92 9.67 15.02
C THR B 167 18.89 9.16 14.03
N ALA B 168 17.84 8.52 14.56
CA ALA B 168 16.78 8.01 13.72
C ALA B 168 16.33 9.13 12.80
N LEU B 169 15.97 10.25 13.43
CA LEU B 169 15.47 11.42 12.73
C LEU B 169 16.51 12.09 11.83
N LEU B 170 17.75 12.14 12.30
CA LEU B 170 18.81 12.76 11.52
C LEU B 170 19.04 11.98 10.23
N VAL B 171 19.12 10.65 10.35
CA VAL B 171 19.34 9.79 9.19
C VAL B 171 18.12 9.74 8.26
N PHE B 172 16.94 9.54 8.83
CA PHE B 172 15.73 9.48 8.02
C PHE B 172 15.64 10.72 7.14
N CYS B 173 15.82 11.88 7.75
CA CYS B 173 15.75 13.14 7.04
C CYS B 173 16.72 13.20 5.87
N GLU B 174 17.95 12.74 6.08
CA GLU B 174 18.93 12.74 4.99
C GLU B 174 18.38 11.87 3.86
N GLU B 175 17.96 10.65 4.19
CA GLU B 175 17.38 9.71 3.21
C GLU B 175 16.19 10.35 2.51
N PHE B 176 15.19 10.67 3.32
CA PHE B 176 13.95 11.29 2.87
C PHE B 176 14.22 12.46 1.92
N ILE B 177 15.04 13.41 2.35
CA ILE B 177 15.38 14.60 1.55
C ILE B 177 16.06 14.20 0.25
N GLY B 178 17.03 13.29 0.35
CA GLY B 178 17.77 12.82 -0.80
C GLY B 178 16.98 12.11 -1.89
N HIS B 179 15.77 11.66 -1.58
CA HIS B 179 14.97 10.96 -2.58
C HIS B 179 13.65 11.64 -2.94
N GLY B 180 13.49 12.88 -2.53
CA GLY B 180 12.29 13.60 -2.88
C GLY B 180 11.32 13.91 -1.76
N GLY B 181 11.66 13.55 -0.53
CA GLY B 181 10.77 13.85 0.58
C GLY B 181 10.50 15.34 0.65
N LYS B 182 9.39 15.75 1.25
CA LYS B 182 9.07 17.16 1.31
C LYS B 182 8.73 17.69 2.69
N LEU B 183 7.86 16.99 3.41
CA LEU B 183 7.44 17.45 4.72
C LEU B 183 7.21 16.31 5.71
N ILE B 184 7.38 16.64 6.99
CA ILE B 184 7.12 15.69 8.05
C ILE B 184 6.10 16.40 8.94
N ASP B 185 5.01 15.70 9.23
CA ASP B 185 3.96 16.23 10.07
C ASP B 185 4.21 15.84 11.52
N CYS B 186 4.24 16.83 12.40
CA CYS B 186 4.47 16.58 13.81
C CYS B 186 3.20 16.79 14.59
N GLN B 187 2.09 16.91 13.87
CA GLN B 187 0.75 17.07 14.45
C GLN B 187 0.59 18.29 15.36
N VAL B 188 1.14 18.21 16.57
CA VAL B 188 1.05 19.32 17.52
C VAL B 188 2.44 19.85 17.90
N LEU B 189 2.55 21.16 18.02
CA LEU B 189 3.81 21.80 18.37
C LEU B 189 3.99 21.87 19.87
N ASN B 190 5.01 21.17 20.37
CA ASN B 190 5.31 21.17 21.80
C ASN B 190 6.82 21.21 22.01
N ASP B 191 7.24 21.18 23.26
CA ASP B 191 8.66 21.24 23.61
C ASP B 191 9.53 20.27 22.84
N HIS B 192 9.03 19.04 22.67
CA HIS B 192 9.78 18.00 21.95
C HIS B 192 9.81 18.30 20.46
N THR B 193 8.65 18.61 19.91
CA THR B 193 8.49 18.92 18.49
C THR B 193 9.25 20.19 18.11
N ALA B 194 9.19 21.20 18.98
CA ALA B 194 9.85 22.47 18.74
C ALA B 194 11.37 22.38 18.80
N SER B 195 11.87 21.44 19.60
CA SER B 195 13.30 21.25 19.76
C SER B 195 13.93 20.59 18.55
N LEU B 196 13.11 19.94 17.73
CA LEU B 196 13.58 19.28 16.52
C LEU B 196 13.69 20.27 15.36
N GLY B 197 12.97 21.38 15.48
CA GLY B 197 12.98 22.39 14.43
C GLY B 197 11.63 22.50 13.75
N ALA B 198 10.60 21.99 14.41
CA ALA B 198 9.27 22.05 13.85
C ALA B 198 8.67 23.43 14.05
N CYS B 199 7.74 23.80 13.17
CA CYS B 199 7.10 25.12 13.26
C CYS B 199 5.62 24.98 12.93
N GLU B 200 4.85 26.01 13.25
CA GLU B 200 3.42 25.96 12.96
C GLU B 200 3.04 26.67 11.67
N ILE B 201 2.05 26.09 10.98
CA ILE B 201 1.52 26.63 9.75
C ILE B 201 0.00 26.49 9.88
N PRO B 202 -0.77 27.39 9.25
CA PRO B 202 -2.22 27.29 9.33
C PRO B 202 -2.70 25.94 8.79
N ARG B 203 -3.80 25.43 9.35
CA ARG B 203 -4.37 24.16 8.93
C ARG B 203 -4.66 24.13 7.43
N ARG B 204 -5.28 25.21 6.93
CA ARG B 204 -5.61 25.30 5.50
C ARG B 204 -4.35 25.10 4.66
N ASP B 205 -3.21 25.59 5.15
CA ASP B 205 -1.95 25.41 4.43
C ASP B 205 -1.51 23.95 4.51
N TYR B 206 -1.68 23.35 5.69
CA TYR B 206 -1.29 21.94 5.85
C TYR B 206 -2.13 21.08 4.92
N LEU B 207 -3.45 21.30 4.90
CA LEU B 207 -4.29 20.51 4.03
C LEU B 207 -3.92 20.67 2.56
N ASN B 208 -3.53 21.86 2.14
CA ASN B 208 -3.16 22.06 0.74
C ASN B 208 -1.85 21.36 0.40
N TYR B 209 -0.93 21.28 1.36
CA TYR B 209 0.32 20.59 1.12
C TYR B 209 0.02 19.08 1.04
N LEU B 210 -0.93 18.66 1.88
CA LEU B 210 -1.36 17.27 1.98
C LEU B 210 -1.88 16.75 0.67
N ASN B 211 -2.91 17.39 0.14
CA ASN B 211 -3.51 16.98 -1.13
C ASN B 211 -2.47 17.00 -2.24
N GLN B 212 -1.54 17.93 -2.15
CA GLN B 212 -0.49 18.07 -3.14
C GLN B 212 0.53 16.95 -3.01
N MET B 213 1.07 16.78 -1.80
CA MET B 213 2.09 15.77 -1.56
C MET B 213 1.72 14.28 -1.63
N ARG B 214 0.50 13.90 -1.29
CA ARG B 214 0.20 12.48 -1.37
C ARG B 214 0.13 11.99 -2.81
N LEU B 215 0.10 12.92 -3.75
CA LEU B 215 0.06 12.57 -5.17
C LEU B 215 1.48 12.41 -5.68
N GLY B 216 2.40 13.17 -5.09
CA GLY B 216 3.80 13.06 -5.49
C GLY B 216 4.31 11.73 -4.96
N ARG B 217 5.52 11.33 -5.32
CA ARG B 217 6.03 10.06 -4.83
C ARG B 217 7.55 9.89 -4.81
N LEU B 218 7.97 8.80 -4.17
CA LEU B 218 9.37 8.44 -3.98
C LEU B 218 9.77 7.25 -4.85
N PRO B 219 11.05 6.85 -4.79
CA PRO B 219 11.49 5.71 -5.58
C PRO B 219 10.63 4.48 -5.27
N ASN B 220 10.46 3.62 -6.26
CA ASN B 220 9.66 2.41 -6.11
C ASN B 220 10.08 1.60 -4.89
N ASN B 221 11.37 1.60 -4.61
CA ASN B 221 11.88 0.82 -3.49
C ASN B 221 12.29 1.64 -2.28
N PHE B 222 11.76 2.85 -2.14
CA PHE B 222 12.13 3.69 -1.01
C PHE B 222 11.78 3.13 0.37
N TRP B 223 10.61 2.52 0.51
CA TRP B 223 10.17 1.98 1.79
C TRP B 223 10.53 0.52 2.02
N VAL B 224 11.33 -0.06 1.13
CA VAL B 224 11.74 -1.44 1.27
C VAL B 224 12.68 -1.59 2.47
N PRO B 225 12.44 -2.60 3.31
CA PRO B 225 13.29 -2.82 4.49
C PRO B 225 14.76 -2.91 4.11
N ARG B 226 15.57 -2.05 4.70
CA ARG B 226 17.01 -2.04 4.42
C ARG B 226 17.78 -1.31 5.51
N CYS B 227 19.09 -1.25 5.34
CA CYS B 227 19.94 -0.54 6.29
C CYS B 227 20.12 0.88 5.74
N LEU B 228 19.99 1.88 6.61
CA LEU B 228 20.13 3.26 6.16
C LEU B 228 21.47 3.86 6.57
N PHE B 229 22.00 3.39 7.68
CA PHE B 229 23.27 3.91 8.17
C PHE B 229 23.99 2.88 9.02
N SER B 230 25.30 2.82 8.80
CA SER B 230 26.16 1.92 9.55
C SER B 230 27.49 2.64 9.70
N PRO B 231 28.08 2.62 10.90
CA PRO B 231 29.36 3.30 11.12
C PRO B 231 30.44 2.99 10.08
O5' 3D1 C . -12.55 -15.73 -10.13
C5' 3D1 C . -11.80 -16.54 -11.03
C4' 3D1 C . -10.33 -16.28 -10.84
O4' 3D1 C . -9.65 -17.52 -10.54
C1' 3D1 C . -8.31 -17.45 -11.05
N9 3D1 C . -8.10 -18.56 -11.96
C4 3D1 C . -6.97 -18.74 -12.73
N3 3D1 C . -5.88 -17.95 -12.77
C2 3D1 C . -4.98 -18.45 -13.63
N1 3D1 C . -5.04 -19.56 -14.36
C6 3D1 C . -6.14 -20.34 -14.29
N6 3D1 C . -6.19 -21.46 -15.02
C5 3D1 C . -7.17 -19.92 -13.43
N7 3D1 C . -8.42 -20.45 -13.14
C8 3D1 C . -8.93 -19.62 -12.26
C2' 3D1 C . -8.17 -16.09 -11.73
C3' 3D1 C . -9.60 -15.75 -12.06
O3' 3D1 C . -9.77 -14.38 -12.21
N PHE D . -7.42 -14.57 -14.43
CA PHE D . -8.10 -13.54 -13.65
C PHE D . -9.54 -13.95 -13.42
O PHE D . -10.38 -13.89 -14.33
CB PHE D . -8.03 -12.20 -14.39
CG PHE D . -8.47 -11.03 -13.55
CD1 PHE D . -8.09 -10.92 -12.22
CD2 PHE D . -9.23 -10.01 -14.12
CE1 PHE D . -8.44 -9.81 -11.47
CE2 PHE D . -9.58 -8.89 -13.37
CZ PHE D . -9.19 -8.79 -12.05
O1 TAR E . -19.78 -8.67 -8.31
O11 TAR E . -19.39 -10.08 -9.96
C1 TAR E . -19.78 -9.81 -8.71
C2 TAR E . -20.20 -10.95 -7.82
O2 TAR E . -20.57 -10.41 -6.54
C3 TAR E . -21.39 -11.71 -8.46
O3 TAR E . -22.51 -10.84 -8.63
C4 TAR E . -21.80 -12.87 -7.57
O4 TAR E . -22.93 -12.94 -7.15
O41 TAR E . -20.91 -13.82 -7.26
O5' 3D1 F . 7.97 12.12 21.64
C5' 3D1 F . 6.68 12.62 21.93
C4' 3D1 F . 5.68 12.08 20.92
O4' 3D1 F . 4.37 12.00 21.51
C1' 3D1 F . 3.40 12.16 20.47
N9 3D1 F . 2.50 13.24 20.86
C4 3D1 F . 1.26 13.46 20.31
N3 3D1 F . 0.67 12.75 19.33
C2 3D1 F . -0.54 13.24 19.06
N1 3D1 F . -1.17 14.30 19.61
C6 3D1 F . -0.55 14.98 20.59
N6 3D1 F . -1.18 16.02 21.14
C5 3D1 F . 0.74 14.56 20.97
N7 3D1 F . 1.65 15.04 21.91
C8 3D1 F . 2.67 14.23 21.80
C2' 3D1 F . 4.15 12.43 19.18
C3' 3D1 F . 5.49 12.92 19.67
O3' 3D1 F . 6.50 12.67 18.74
N PHE G . 4.39 14.30 17.07
CA PHE G . 5.54 13.48 16.72
C PHE G . 6.63 13.58 17.80
O PHE G . 7.50 14.45 17.76
CB PHE G . 6.11 13.91 15.38
CG PHE G . 7.21 13.03 14.86
CD1 PHE G . 7.12 11.65 14.96
CD2 PHE G . 8.30 13.59 14.22
CE1 PHE G . 8.10 10.83 14.42
CE2 PHE G . 9.29 12.77 13.67
CZ PHE G . 9.19 11.40 13.77
O1 TAR H . 17.73 10.69 21.35
O11 TAR H . 17.12 12.80 21.54
C1 TAR H . 17.28 11.58 22.04
C2 TAR H . 16.91 11.31 23.48
O2 TAR H . 17.18 9.94 23.83
C3 TAR H . 17.67 12.24 24.44
O3 TAR H . 19.10 12.09 24.28
C4 TAR H . 17.27 11.94 25.87
O4 TAR H . 18.11 11.63 26.69
O41 TAR H . 15.97 12.02 26.23
#